data_1N7B
#
_entry.id   1N7B
#
_cell.length_a   31.247
_cell.length_b   51.154
_cell.length_c   70.834
_cell.angle_alpha   90.00
_cell.angle_beta   90.00
_cell.angle_gamma   90.00
#
_symmetry.space_group_name_H-M   'P 21 21 21'
#
loop_
_entity.id
_entity.type
_entity.pdbx_description
1 polymer "RNA/DNA (5'-R(*U)-D(P*(BGM))-R(P*AP*GP*GP*U)-3')"
2 non-polymer 'POTASSIUM ION'
3 non-polymer SPERMINE
4 water water
#
_entity_poly.entity_id   1
_entity_poly.type   'polydeoxyribonucleotide/polyribonucleotide hybrid'
_entity_poly.pdbx_seq_one_letter_code
;U(BGM)AGGU
;
_entity_poly.pdbx_strand_id   A,B,C,D,E,F,G,H
#